data_9RFF
#
_entry.id   9RFF
#
_cell.length_a   39.222
_cell.length_b   73.082
_cell.length_c   73.283
_cell.angle_alpha   90.000
_cell.angle_beta   90.000
_cell.angle_gamma   90.000
#
_symmetry.space_group_name_H-M   'P 21 21 21'
#
loop_
_entity.id
_entity.type
_entity.pdbx_description
1 polymer 'Ras-related C3 botulinum toxin substrate 1,E3 ubiquitin-protein ligase SH3RF1'
2 non-polymer 'PHOSPHOAMINOPHOSPHONIC ACID-GUANYLATE ESTER'
3 non-polymer 'MAGNESIUM ION'
4 non-polymer (4S)-2-METHYL-2,4-PENTANEDIOL
5 water water
#
_entity_poly.entity_id   1
_entity_poly.type   'polypeptide(L)'
_entity_poly.pdbx_seq_one_letter_code
;GRRMQAIKCVVVGDGAVGKTCLLISYTTNAFPGEYIPTVFDNYSANVMVDGKPVNLGLWDTAGQEDYDRLRPLSYPQTDV
FLICFSLVSPASFENVRAKWYPEVRHH(CME)PNTPIILVGTKLDLRDDKDTIEKLKEKKLTPITYPQGLAMAKEIGAVK
YLECSALTQRGLKTVFDEAIRAVLQNRHSMEISPPVLISSSNPTAAARISELSGLSCSAPSQVHISTTGLIVTPPPS
;
_entity_poly.pdbx_strand_id   A
#
# COMPACT_ATOMS: atom_id res chain seq x y z
N MET A 4 12.78 -3.60 19.40
CA MET A 4 11.42 -3.60 18.79
C MET A 4 11.51 -4.30 17.44
N GLN A 5 10.76 -5.41 17.31
CA GLN A 5 10.57 -6.04 16.02
C GLN A 5 10.16 -4.99 14.99
N ALA A 6 10.75 -5.08 13.79
CA ALA A 6 10.46 -4.20 12.68
C ALA A 6 9.96 -5.02 11.49
N ILE A 7 9.04 -4.43 10.74
CA ILE A 7 8.44 -4.99 9.53
C ILE A 7 8.62 -3.95 8.45
N LYS A 8 9.07 -4.35 7.26
CA LYS A 8 9.13 -3.49 6.11
C LYS A 8 8.05 -3.91 5.11
N CYS A 9 7.24 -2.93 4.72
CA CYS A 9 6.17 -3.15 3.76
C CYS A 9 6.30 -2.12 2.65
N VAL A 10 6.26 -2.59 1.40
CA VAL A 10 6.37 -1.76 0.22
C VAL A 10 5.06 -1.83 -0.56
N VAL A 11 4.60 -0.66 -0.96
CA VAL A 11 3.33 -0.50 -1.67
C VAL A 11 3.61 -0.17 -3.12
N VAL A 12 3.09 -0.99 -4.04
CA VAL A 12 3.28 -0.77 -5.47
C VAL A 12 1.94 -0.89 -6.20
N GLY A 13 1.92 -0.40 -7.43
CA GLY A 13 0.73 -0.42 -8.28
C GLY A 13 0.67 0.77 -9.19
N ASP A 14 -0.23 0.72 -10.16
CA ASP A 14 -0.33 1.75 -11.17
C ASP A 14 -0.48 3.14 -10.59
N GLY A 15 -0.04 4.12 -11.37
CA GLY A 15 -0.35 5.50 -11.07
C GLY A 15 -1.85 5.65 -10.86
N ALA A 16 -2.18 6.47 -9.87
CA ALA A 16 -3.51 6.94 -9.56
C ALA A 16 -4.38 5.88 -8.88
N VAL A 17 -3.82 4.75 -8.45
CA VAL A 17 -4.68 3.74 -7.81
C VAL A 17 -4.97 4.08 -6.35
N GLY A 18 -4.22 4.99 -5.72
CA GLY A 18 -4.50 5.40 -4.35
C GLY A 18 -3.49 4.93 -3.32
N LYS A 19 -2.27 4.65 -3.73
CA LYS A 19 -1.26 4.15 -2.81
C LYS A 19 -0.93 5.17 -1.73
N THR A 20 -0.76 6.44 -2.11
CA THR A 20 -0.37 7.46 -1.14
C THR A 20 -1.52 7.75 -0.19
N CYS A 21 -2.74 7.83 -0.71
CA CYS A 21 -3.89 8.05 0.16
C CYS A 21 -4.10 6.89 1.13
N LEU A 22 -3.84 5.66 0.68
CA LEU A 22 -3.95 4.51 1.56
C LEU A 22 -3.05 4.72 2.80
N LEU A 23 -1.80 5.13 2.54
CA LEU A 23 -0.80 5.28 3.57
C LEU A 23 -1.11 6.46 4.49
N ILE A 24 -1.46 7.60 3.92
CA ILE A 24 -1.76 8.77 4.73
C ILE A 24 -3.02 8.52 5.58
N SER A 25 -4.05 7.91 4.99
CA SER A 25 -5.28 7.66 5.72
C SER A 25 -5.05 6.69 6.86
N TYR A 26 -4.33 5.61 6.60
CA TYR A 26 -4.07 4.62 7.65
C TYR A 26 -3.24 5.24 8.76
N THR A 27 -2.18 5.97 8.42
CA THR A 27 -1.23 6.39 9.46
C THR A 27 -1.69 7.63 10.20
N THR A 28 -2.53 8.47 9.59
CA THR A 28 -2.87 9.76 10.19
C THR A 28 -4.34 10.13 10.15
N ASN A 29 -5.19 9.28 9.56
CA ASN A 29 -6.61 9.56 9.47
C ASN A 29 -6.90 10.88 8.74
N ALA A 30 -6.09 11.15 7.71
CA ALA A 30 -6.30 12.29 6.83
C ALA A 30 -6.36 11.81 5.40
N PHE A 31 -6.93 12.65 4.55
CA PHE A 31 -7.07 12.29 3.16
C PHE A 31 -6.59 13.51 2.38
N PRO A 32 -5.46 13.42 1.65
CA PRO A 32 -4.86 14.59 1.02
C PRO A 32 -5.73 15.27 -0.03
N GLY A 33 -5.47 16.59 -0.23
CA GLY A 33 -6.34 17.49 -0.97
C GLY A 33 -5.92 17.78 -2.42
N GLU A 34 -4.67 17.49 -2.80
CA GLU A 34 -4.22 17.62 -4.18
C GLU A 34 -3.38 16.38 -4.51
N TYR A 35 -3.65 15.73 -5.67
CA TYR A 35 -2.91 14.56 -6.16
C TYR A 35 -1.50 15.01 -6.52
N ILE A 36 -0.51 14.51 -5.75
CA ILE A 36 0.89 14.79 -6.02
C ILE A 36 1.59 13.45 -6.26
N PRO A 37 2.07 13.16 -7.50
CA PRO A 37 2.79 11.90 -7.75
C PRO A 37 3.98 11.68 -6.82
N THR A 38 4.16 10.43 -6.45
CA THR A 38 5.18 10.00 -5.53
C THR A 38 6.44 9.66 -6.31
N VAL A 39 7.57 9.85 -5.65
CA VAL A 39 8.83 9.24 -6.07
C VAL A 39 9.09 8.05 -5.15
N PHE A 40 9.60 8.30 -3.94
CA PHE A 40 9.54 7.38 -2.82
C PHE A 40 9.11 8.16 -1.59
N ASP A 41 8.38 7.51 -0.70
CA ASP A 41 8.14 8.10 0.62
C ASP A 41 8.18 7.00 1.66
N ASN A 42 8.54 7.42 2.88
CA ASN A 42 8.58 6.52 4.03
C ASN A 42 7.61 7.00 5.09
N TYR A 43 7.01 6.03 5.79
CA TYR A 43 6.19 6.23 6.96
C TYR A 43 6.68 5.23 8.00
N SER A 44 7.09 5.74 9.16
CA SER A 44 7.55 4.90 10.23
C SER A 44 6.51 4.99 11.33
N ALA A 45 5.82 3.88 11.61
CA ALA A 45 4.70 3.89 12.54
C ALA A 45 4.80 2.72 13.47
N ASN A 46 4.37 2.91 14.71
CA ASN A 46 4.39 1.81 15.65
C ASN A 46 2.99 1.26 15.88
N VAL A 47 2.88 -0.04 16.04
CA VAL A 47 1.63 -0.66 16.48
C VAL A 47 1.98 -1.57 17.65
N MET A 48 0.93 -1.96 18.37
CA MET A 48 1.04 -2.97 19.40
CA MET A 48 1.01 -2.94 19.41
C MET A 48 0.30 -4.21 18.94
N VAL A 49 1.02 -5.32 18.91
CA VAL A 49 0.49 -6.61 18.52
C VAL A 49 0.40 -7.43 19.80
N ASP A 50 -0.83 -7.64 20.30
CA ASP A 50 -1.00 -8.34 21.57
C ASP A 50 -0.11 -7.73 22.64
N GLY A 51 -0.11 -6.40 22.65
CA GLY A 51 0.52 -5.61 23.71
C GLY A 51 2.02 -5.44 23.56
N LYS A 52 2.60 -5.90 22.45
CA LYS A 52 4.03 -5.84 22.20
C LYS A 52 4.27 -4.92 21.00
N PRO A 53 5.25 -4.01 21.11
CA PRO A 53 5.47 -3.03 20.05
C PRO A 53 6.17 -3.62 18.84
N VAL A 54 5.67 -3.19 17.69
CA VAL A 54 6.20 -3.55 16.38
C VAL A 54 6.29 -2.25 15.58
N ASN A 55 7.47 -2.02 15.00
CA ASN A 55 7.67 -0.90 14.11
C ASN A 55 7.33 -1.31 12.68
N LEU A 56 6.55 -0.45 12.01
CA LEU A 56 6.24 -0.59 10.61
C LEU A 56 7.05 0.44 9.86
N GLY A 57 7.78 -0.05 8.88
CA GLY A 57 8.46 0.78 7.92
C GLY A 57 7.75 0.66 6.59
N LEU A 58 6.91 1.64 6.31
CA LEU A 58 6.05 1.60 5.14
C LEU A 58 6.64 2.47 4.04
N TRP A 59 6.76 1.89 2.84
CA TRP A 59 7.36 2.57 1.72
C TRP A 59 6.36 2.71 0.59
N ASP A 60 6.21 3.94 0.12
CA ASP A 60 5.43 4.31 -1.03
C ASP A 60 6.35 4.43 -2.23
N THR A 61 5.81 4.10 -3.40
CA THR A 61 6.58 4.09 -4.63
C THR A 61 5.78 4.74 -5.75
N ALA A 62 6.46 5.03 -6.83
CA ALA A 62 5.86 5.64 -8.00
C ALA A 62 5.29 4.56 -8.92
N GLY A 63 4.05 4.73 -9.34
CA GLY A 63 3.46 3.81 -10.27
C GLY A 63 3.82 4.06 -11.74
N GLN A 64 4.42 5.21 -12.03
CA GLN A 64 4.72 5.55 -13.40
C GLN A 64 5.88 4.73 -13.94
N GLU A 65 5.81 4.42 -15.23
CA GLU A 65 6.83 3.59 -15.84
C GLU A 65 8.18 4.31 -15.93
N ASP A 66 8.21 5.65 -15.87
CA ASP A 66 9.45 6.40 -15.86
C ASP A 66 10.33 6.04 -14.66
N TYR A 67 9.72 5.52 -13.59
CA TYR A 67 10.45 5.13 -12.41
C TYR A 67 10.76 3.63 -12.36
N ASP A 68 10.55 2.91 -13.46
CA ASP A 68 10.77 1.47 -13.44
C ASP A 68 12.18 1.07 -13.02
N ARG A 69 13.19 1.83 -13.48
CA ARG A 69 14.56 1.45 -13.20
C ARG A 69 14.88 1.64 -11.72
N LEU A 70 14.34 2.71 -11.13
CA LEU A 70 14.63 3.11 -9.77
C LEU A 70 13.79 2.38 -8.74
N ARG A 71 12.53 2.04 -9.06
CA ARG A 71 11.59 1.54 -8.06
C ARG A 71 12.17 0.39 -7.27
N PRO A 72 12.84 -0.61 -7.89
CA PRO A 72 13.34 -1.74 -7.09
C PRO A 72 14.38 -1.45 -6.04
N LEU A 73 14.90 -0.21 -6.02
CA LEU A 73 15.75 0.20 -4.92
C LEU A 73 15.08 -0.03 -3.59
N SER A 74 13.74 0.07 -3.57
CA SER A 74 12.96 -0.07 -2.34
C SER A 74 12.80 -1.53 -1.91
N TYR A 75 13.11 -2.49 -2.78
CA TYR A 75 12.65 -3.86 -2.59
C TYR A 75 13.50 -4.68 -1.62
N PRO A 76 14.83 -4.58 -1.57
CA PRO A 76 15.58 -5.47 -0.67
CA PRO A 76 15.55 -5.50 -0.69
C PRO A 76 15.13 -5.36 0.78
N GLN A 77 15.07 -6.50 1.47
CA GLN A 77 14.72 -6.56 2.88
C GLN A 77 13.22 -6.34 3.14
N THR A 78 12.42 -6.28 2.09
CA THR A 78 10.96 -6.16 2.27
C THR A 78 10.40 -7.45 2.84
N ASP A 79 9.49 -7.30 3.82
CA ASP A 79 8.82 -8.40 4.47
C ASP A 79 7.46 -8.73 3.83
N VAL A 80 6.79 -7.73 3.24
CA VAL A 80 5.49 -7.94 2.62
C VAL A 80 5.28 -6.82 1.62
N PHE A 81 4.71 -7.17 0.45
CA PHE A 81 4.30 -6.20 -0.55
C PHE A 81 2.79 -6.07 -0.56
N LEU A 82 2.34 -4.83 -0.69
CA LEU A 82 0.95 -4.59 -1.06
C LEU A 82 0.93 -4.22 -2.54
N ILE A 83 0.32 -5.08 -3.37
CA ILE A 83 0.12 -4.73 -4.77
C ILE A 83 -1.31 -4.19 -4.87
N CYS A 84 -1.43 -2.95 -5.29
CA CYS A 84 -2.69 -2.23 -5.30
C CYS A 84 -3.22 -2.03 -6.71
N PHE A 85 -4.55 -2.13 -6.84
CA PHE A 85 -5.25 -1.72 -8.04
C PHE A 85 -6.53 -1.04 -7.61
N SER A 86 -7.02 -0.11 -8.43
CA SER A 86 -8.29 0.52 -8.15
C SER A 86 -9.43 -0.37 -8.62
N LEU A 87 -10.43 -0.54 -7.74
CA LEU A 87 -11.62 -1.31 -8.07
C LEU A 87 -12.41 -0.71 -9.21
N VAL A 88 -12.13 0.56 -9.54
CA VAL A 88 -12.83 1.18 -10.66
C VAL A 88 -11.89 1.47 -11.84
N SER A 89 -10.71 0.84 -11.85
CA SER A 89 -9.82 0.93 -13.00
C SER A 89 -9.44 -0.47 -13.48
N PRO A 90 -10.18 -1.01 -14.48
CA PRO A 90 -9.82 -2.32 -15.04
C PRO A 90 -8.38 -2.39 -15.54
N ALA A 91 -7.87 -1.29 -16.12
CA ALA A 91 -6.49 -1.32 -16.59
C ALA A 91 -5.52 -1.61 -15.43
N SER A 92 -5.77 -1.00 -14.28
CA SER A 92 -4.89 -1.17 -13.14
C SER A 92 -4.96 -2.62 -12.63
N PHE A 93 -6.14 -3.24 -12.74
CA PHE A 93 -6.35 -4.62 -12.37
C PHE A 93 -5.55 -5.54 -13.28
N GLU A 94 -5.63 -5.36 -14.58
CA GLU A 94 -4.89 -6.22 -15.47
CA GLU A 94 -4.88 -6.17 -15.52
C GLU A 94 -3.38 -6.05 -15.25
N ASN A 95 -2.94 -4.82 -14.90
CA ASN A 95 -1.54 -4.57 -14.66
C ASN A 95 -1.00 -5.26 -13.41
N VAL A 96 -1.89 -5.68 -12.50
CA VAL A 96 -1.45 -6.54 -11.40
C VAL A 96 -0.67 -7.73 -11.94
N ARG A 97 -1.28 -8.39 -12.93
CA ARG A 97 -0.75 -9.60 -13.50
C ARG A 97 0.33 -9.27 -14.52
N ALA A 98 0.12 -8.25 -15.36
CA ALA A 98 1.03 -7.99 -16.45
C ALA A 98 2.35 -7.37 -16.01
N LYS A 99 2.30 -6.62 -14.91
CA LYS A 99 3.40 -5.76 -14.53
C LYS A 99 3.83 -6.03 -13.09
N TRP A 100 2.93 -5.83 -12.13
CA TRP A 100 3.38 -5.73 -10.74
C TRP A 100 3.78 -7.06 -10.13
N TYR A 101 2.97 -8.09 -10.36
CA TYR A 101 3.33 -9.40 -9.83
C TYR A 101 4.69 -9.83 -10.39
N PRO A 102 4.95 -9.80 -11.72
CA PRO A 102 6.25 -10.18 -12.21
C PRO A 102 7.38 -9.34 -11.64
N GLU A 103 7.17 -8.04 -11.55
CA GLU A 103 8.25 -7.17 -11.13
C GLU A 103 8.63 -7.52 -9.69
N VAL A 104 7.64 -7.64 -8.81
CA VAL A 104 7.89 -7.97 -7.43
C VAL A 104 8.53 -9.34 -7.34
N ARG A 105 7.98 -10.34 -8.05
CA ARG A 105 8.43 -11.70 -7.85
C ARG A 105 9.82 -11.93 -8.41
N HIS A 106 10.16 -11.25 -9.51
CA HIS A 106 11.50 -11.37 -10.07
C HIS A 106 12.59 -10.86 -9.12
N HIS A 107 12.28 -9.80 -8.38
CA HIS A 107 13.19 -9.24 -7.39
C HIS A 107 13.16 -9.99 -6.07
N PRO A 109 11.64 -13.38 -4.76
CA PRO A 109 10.91 -14.61 -5.05
C PRO A 109 10.02 -15.18 -3.95
N ASN A 110 10.32 -14.87 -2.68
CA ASN A 110 9.69 -15.56 -1.57
C ASN A 110 8.90 -14.62 -0.67
N THR A 111 8.76 -13.35 -1.03
CA THR A 111 8.17 -12.40 -0.14
C THR A 111 6.65 -12.46 -0.30
N PRO A 112 5.86 -12.51 0.79
CA PRO A 112 4.41 -12.52 0.60
CA PRO A 112 4.40 -12.45 0.73
C PRO A 112 3.88 -11.23 -0.01
N ILE A 113 2.80 -11.42 -0.76
CA ILE A 113 2.06 -10.36 -1.43
C ILE A 113 0.65 -10.35 -0.90
N ILE A 114 0.17 -9.15 -0.55
CA ILE A 114 -1.26 -8.96 -0.39
C ILE A 114 -1.79 -8.13 -1.54
N LEU A 115 -2.87 -8.60 -2.16
CA LEU A 115 -3.50 -7.86 -3.23
C LEU A 115 -4.59 -6.97 -2.64
N VAL A 116 -4.51 -5.68 -2.94
CA VAL A 116 -5.41 -4.68 -2.34
C VAL A 116 -6.18 -3.99 -3.45
N GLY A 117 -7.51 -4.12 -3.41
CA GLY A 117 -8.37 -3.31 -4.24
C GLY A 117 -8.78 -2.03 -3.51
N THR A 118 -8.47 -0.90 -4.14
CA THR A 118 -8.66 0.41 -3.56
C THR A 118 -9.90 1.10 -4.13
N LYS A 119 -10.27 2.19 -3.47
CA LYS A 119 -11.34 3.04 -3.92
C LYS A 119 -12.67 2.30 -3.87
N LEU A 120 -12.85 1.52 -2.80
CA LEU A 120 -14.08 0.76 -2.61
C LEU A 120 -15.30 1.66 -2.65
N ASP A 121 -15.18 2.89 -2.17
CA ASP A 121 -16.29 3.82 -2.10
C ASP A 121 -16.83 4.22 -3.48
N LEU A 122 -16.06 3.97 -4.56
CA LEU A 122 -16.50 4.31 -5.90
C LEU A 122 -17.19 3.13 -6.60
N ARG A 123 -17.15 1.94 -6.04
CA ARG A 123 -17.67 0.79 -6.75
C ARG A 123 -19.16 0.91 -7.09
N ASP A 124 -19.92 1.62 -6.25
CA ASP A 124 -21.35 1.82 -6.43
C ASP A 124 -21.71 3.22 -6.93
N ASP A 125 -20.70 4.00 -7.32
CA ASP A 125 -20.92 5.37 -7.75
C ASP A 125 -21.51 5.42 -9.15
N LYS A 126 -22.65 6.08 -9.32
CA LYS A 126 -23.37 6.02 -10.58
C LYS A 126 -22.51 6.50 -11.75
N ASP A 127 -21.89 7.65 -11.61
CA ASP A 127 -21.10 8.24 -12.68
CA ASP A 127 -21.15 8.20 -12.74
C ASP A 127 -19.96 7.31 -13.09
N THR A 128 -19.30 6.74 -12.07
CA THR A 128 -18.18 5.84 -12.34
C THR A 128 -18.65 4.62 -13.13
N ILE A 129 -19.75 4.05 -12.71
CA ILE A 129 -20.31 2.88 -13.36
C ILE A 129 -20.69 3.21 -14.81
N GLU A 130 -21.30 4.36 -15.03
CA GLU A 130 -21.78 4.70 -16.36
C GLU A 130 -20.61 4.90 -17.32
N LYS A 131 -19.56 5.54 -16.82
CA LYS A 131 -18.39 5.79 -17.63
C LYS A 131 -17.70 4.49 -18.03
N LEU A 132 -17.61 3.55 -17.07
CA LEU A 132 -17.07 2.25 -17.40
C LEU A 132 -17.98 1.54 -18.41
N LYS A 133 -19.30 1.67 -18.25
CA LYS A 133 -20.24 0.97 -19.12
C LYS A 133 -20.10 1.47 -20.55
N GLU A 134 -19.83 2.78 -20.72
CA GLU A 134 -19.61 3.36 -22.03
C GLU A 134 -18.46 2.65 -22.75
N LYS A 135 -17.55 2.01 -21.99
CA LYS A 135 -16.39 1.35 -22.57
C LYS A 135 -16.50 -0.17 -22.48
N LYS A 136 -17.71 -0.67 -22.20
CA LYS A 136 -18.02 -2.09 -22.10
C LYS A 136 -17.27 -2.71 -20.93
N LEU A 137 -17.17 -1.95 -19.84
CA LEU A 137 -16.42 -2.38 -18.67
C LEU A 137 -17.32 -2.21 -17.44
N THR A 138 -16.86 -2.80 -16.33
CA THR A 138 -17.53 -2.72 -15.05
C THR A 138 -16.45 -2.53 -13.96
N PRO A 139 -16.81 -2.03 -12.77
CA PRO A 139 -15.94 -2.12 -11.62
C PRO A 139 -15.59 -3.59 -11.38
N ILE A 140 -14.44 -3.76 -10.74
CA ILE A 140 -13.94 -5.06 -10.39
C ILE A 140 -14.75 -5.56 -9.20
N THR A 141 -15.25 -6.77 -9.30
CA THR A 141 -15.99 -7.40 -8.22
C THR A 141 -15.06 -8.12 -7.27
N TYR A 142 -15.60 -8.44 -6.09
CA TYR A 142 -14.80 -9.16 -5.11
C TYR A 142 -14.32 -10.49 -5.68
N PRO A 143 -15.17 -11.34 -6.31
CA PRO A 143 -14.66 -12.60 -6.83
C PRO A 143 -13.58 -12.37 -7.88
N GLN A 144 -13.71 -11.30 -8.67
CA GLN A 144 -12.69 -11.05 -9.70
C GLN A 144 -11.33 -10.75 -9.04
N GLY A 145 -11.36 -9.94 -7.99
CA GLY A 145 -10.14 -9.64 -7.26
C GLY A 145 -9.56 -10.89 -6.58
N LEU A 146 -10.45 -11.71 -6.02
CA LEU A 146 -10.03 -12.95 -5.38
C LEU A 146 -9.34 -13.87 -6.39
N ALA A 147 -9.93 -14.00 -7.58
CA ALA A 147 -9.33 -14.83 -8.61
C ALA A 147 -7.94 -14.32 -9.00
N MET A 148 -7.80 -13.01 -9.15
CA MET A 148 -6.49 -12.44 -9.51
C MET A 148 -5.49 -12.73 -8.39
N ALA A 149 -5.92 -12.60 -7.13
CA ALA A 149 -5.06 -12.93 -6.01
C ALA A 149 -4.56 -14.38 -6.09
N LYS A 150 -5.45 -15.31 -6.43
CA LYS A 150 -5.04 -16.70 -6.55
C LYS A 150 -4.06 -16.87 -7.72
N GLU A 151 -4.28 -16.19 -8.84
CA GLU A 151 -3.41 -16.30 -10.00
C GLU A 151 -1.99 -15.83 -9.70
N ILE A 152 -1.84 -14.82 -8.83
CA ILE A 152 -0.52 -14.28 -8.53
C ILE A 152 0.04 -14.85 -7.22
N GLY A 153 -0.68 -15.78 -6.59
CA GLY A 153 -0.22 -16.39 -5.36
C GLY A 153 -0.15 -15.42 -4.19
N ALA A 154 -1.07 -14.46 -4.15
CA ALA A 154 -1.15 -13.58 -2.99
C ALA A 154 -1.68 -14.34 -1.79
N VAL A 155 -1.23 -13.94 -0.60
CA VAL A 155 -1.67 -14.58 0.62
C VAL A 155 -3.06 -14.15 1.04
N LYS A 156 -3.45 -12.94 0.64
CA LYS A 156 -4.76 -12.41 0.95
C LYS A 156 -5.16 -11.48 -0.19
N TYR A 157 -6.48 -11.36 -0.37
CA TYR A 157 -7.11 -10.34 -1.19
C TYR A 157 -7.99 -9.49 -0.28
N LEU A 158 -7.79 -8.16 -0.28
CA LEU A 158 -8.49 -7.26 0.60
C LEU A 158 -8.93 -6.03 -0.16
N GLU A 159 -10.11 -5.53 0.17
CA GLU A 159 -10.67 -4.33 -0.46
C GLU A 159 -10.78 -3.24 0.58
N CYS A 160 -10.58 -1.99 0.15
CA CYS A 160 -10.65 -0.89 1.09
C CYS A 160 -10.94 0.43 0.38
N SER A 161 -11.28 1.41 1.21
CA SER A 161 -11.36 2.82 0.84
C SER A 161 -10.50 3.63 1.78
N ALA A 162 -9.54 4.39 1.23
CA ALA A 162 -8.81 5.35 2.04
C ALA A 162 -9.74 6.48 2.49
N LEU A 163 -10.75 6.79 1.69
CA LEU A 163 -11.64 7.90 1.97
C LEU A 163 -12.58 7.61 3.15
N THR A 164 -13.25 6.46 3.14
CA THR A 164 -14.17 6.10 4.20
C THR A 164 -13.50 5.30 5.31
N GLN A 165 -12.34 4.73 4.99
CA GLN A 165 -11.59 3.82 5.83
C GLN A 165 -12.25 2.46 6.01
N ARG A 166 -13.31 2.16 5.24
CA ARG A 166 -13.82 0.80 5.27
C ARG A 166 -12.71 -0.13 4.75
N GLY A 167 -12.39 -1.15 5.53
CA GLY A 167 -11.43 -2.17 5.12
C GLY A 167 -9.98 -1.76 5.35
N LEU A 168 -9.74 -0.50 5.73
CA LEU A 168 -8.37 0.02 5.66
C LEU A 168 -7.47 -0.55 6.74
N LYS A 169 -7.91 -0.50 7.98
CA LYS A 169 -7.09 -1.09 9.05
C LYS A 169 -6.80 -2.55 8.79
N THR A 170 -7.78 -3.25 8.22
CA THR A 170 -7.62 -4.67 7.95
C THR A 170 -6.48 -4.92 6.97
N VAL A 171 -6.30 -4.05 5.98
CA VAL A 171 -5.21 -4.23 5.02
C VAL A 171 -3.86 -4.32 5.76
N PHE A 172 -3.64 -3.34 6.63
CA PHE A 172 -2.35 -3.27 7.32
C PHE A 172 -2.23 -4.33 8.39
N ASP A 173 -3.32 -4.62 9.10
CA ASP A 173 -3.29 -5.68 10.08
C ASP A 173 -2.96 -7.00 9.43
N GLU A 174 -3.55 -7.26 8.26
CA GLU A 174 -3.27 -8.53 7.58
C GLU A 174 -1.86 -8.56 7.00
N ALA A 175 -1.33 -7.41 6.58
CA ALA A 175 0.08 -7.35 6.19
C ALA A 175 0.96 -7.76 7.35
N ILE A 176 0.69 -7.22 8.55
CA ILE A 176 1.43 -7.55 9.76
C ILE A 176 1.34 -9.05 10.06
N ARG A 177 0.10 -9.58 9.99
CA ARG A 177 -0.11 -10.98 10.27
C ARG A 177 0.63 -11.88 9.28
N ALA A 178 0.74 -11.46 8.02
CA ALA A 178 1.39 -12.25 6.99
C ALA A 178 2.89 -12.33 7.25
N VAL A 179 3.46 -11.29 7.85
CA VAL A 179 4.88 -11.25 8.21
C VAL A 179 5.15 -12.02 9.49
N LEU A 180 4.39 -11.69 10.54
CA LEU A 180 4.62 -12.21 11.87
C LEU A 180 3.93 -13.55 12.01
N GLN A 181 4.40 -14.52 11.20
CA GLN A 181 3.71 -15.79 11.06
C GLN A 181 3.79 -16.63 12.32
N ASN A 182 4.72 -16.33 13.24
CA ASN A 182 4.79 -17.06 14.50
C ASN A 182 3.88 -16.48 15.57
N ARG A 183 3.34 -15.30 15.33
CA ARG A 183 2.54 -14.67 16.36
C ARG A 183 1.08 -15.02 16.15
N HIS A 184 0.36 -15.10 17.28
CA HIS A 184 -1.08 -15.26 17.24
C HIS A 184 -1.77 -14.01 16.75
N SER A 185 -1.19 -12.84 17.02
CA SER A 185 -1.70 -11.56 16.50
C SER A 185 -3.20 -11.44 16.68
N MET A 186 -3.69 -11.63 17.88
CA MET A 186 -5.13 -11.58 18.09
C MET A 186 -5.68 -10.17 17.98
N GLU A 187 -4.91 -9.20 18.50
CA GLU A 187 -5.31 -7.82 18.54
C GLU A 187 -4.12 -6.96 18.11
N ILE A 188 -4.39 -6.03 17.20
CA ILE A 188 -3.38 -5.10 16.70
C ILE A 188 -3.98 -3.71 16.89
N SER A 189 -3.22 -2.82 17.52
CA SER A 189 -3.66 -1.48 17.78
C SER A 189 -3.64 -0.65 16.51
N PRO A 190 -4.32 0.51 16.52
CA PRO A 190 -4.11 1.47 15.46
C PRO A 190 -2.65 1.93 15.49
N PRO A 191 -2.15 2.49 14.39
CA PRO A 191 -0.77 2.94 14.30
C PRO A 191 -0.57 4.29 15.00
N VAL A 192 0.64 4.50 15.50
CA VAL A 192 1.15 5.80 15.92
C VAL A 192 2.26 6.19 14.95
N LEU A 193 2.04 7.19 14.12
CA LEU A 193 3.07 7.63 13.18
C LEU A 193 4.16 8.37 13.94
N ILE A 194 5.39 7.90 13.76
CA ILE A 194 6.56 8.49 14.39
C ILE A 194 7.23 9.49 13.46
N SER A 195 7.37 9.13 12.20
CA SER A 195 8.02 10.00 11.24
C SER A 195 7.52 9.67 9.84
N SER A 196 7.62 10.65 8.95
CA SER A 196 7.34 10.43 7.55
C SER A 196 8.07 11.45 6.71
N SER A 197 8.42 11.05 5.49
CA SER A 197 8.94 11.97 4.50
C SER A 197 7.85 12.65 3.70
N ASN A 198 6.60 12.20 3.86
CA ASN A 198 5.47 12.81 3.17
C ASN A 198 5.04 14.05 3.94
N PRO A 199 5.03 15.24 3.30
CA PRO A 199 4.70 16.47 4.03
C PRO A 199 3.33 16.51 4.68
N THR A 200 2.32 15.91 4.03
CA THR A 200 0.97 15.90 4.58
C THR A 200 0.97 15.06 5.86
N ALA A 201 1.57 13.88 5.81
CA ALA A 201 1.58 13.00 6.96
C ALA A 201 2.43 13.58 8.08
N ALA A 202 3.60 14.12 7.73
CA ALA A 202 4.50 14.69 8.74
C ALA A 202 3.81 15.79 9.54
N ALA A 203 3.00 16.59 8.86
CA ALA A 203 2.28 17.69 9.50
C ALA A 203 1.27 17.19 10.53
N ARG A 204 0.85 15.92 10.44
CA ARG A 204 -0.12 15.37 11.36
C ARG A 204 0.50 14.74 12.60
N ILE A 205 1.80 14.47 12.55
CA ILE A 205 2.51 14.04 13.74
C ILE A 205 2.49 15.26 14.67
N SER A 206 2.93 16.41 14.12
CA SER A 206 2.84 17.68 14.82
C SER A 206 1.40 17.89 15.30
N GLU A 207 0.48 18.04 14.32
CA GLU A 207 -0.93 18.24 14.62
C GLU A 207 -1.46 17.06 15.45
N ALA A 215 8.05 19.49 9.45
CA ALA A 215 9.42 19.17 8.95
C ALA A 215 9.52 17.70 8.57
N PRO A 216 9.26 17.30 7.30
CA PRO A 216 9.34 15.88 6.94
C PRO A 216 10.76 15.32 7.00
N SER A 217 10.88 14.01 7.26
CA SER A 217 12.12 13.30 7.03
CA SER A 217 12.12 13.30 7.04
C SER A 217 12.42 13.31 5.53
N GLN A 218 13.64 12.90 5.17
CA GLN A 218 14.03 12.84 3.78
C GLN A 218 14.50 11.46 3.37
N VAL A 219 14.04 11.00 2.20
CA VAL A 219 14.52 9.76 1.60
C VAL A 219 15.81 10.05 0.82
N HIS A 220 16.83 9.23 1.07
CA HIS A 220 18.08 9.33 0.38
C HIS A 220 18.52 7.94 -0.04
N ILE A 221 19.32 7.88 -1.10
CA ILE A 221 20.00 6.65 -1.45
C ILE A 221 21.23 6.50 -0.58
N SER A 222 21.49 5.27 -0.17
CA SER A 222 22.65 5.03 0.63
C SER A 222 23.28 3.75 0.14
N THR A 223 24.32 3.32 0.84
CA THR A 223 25.05 2.15 0.37
C THR A 223 24.18 0.89 0.49
N THR A 224 23.24 0.94 1.44
CA THR A 224 22.44 -0.19 1.83
C THR A 224 21.04 -0.14 1.19
N GLY A 225 20.76 0.81 0.29
CA GLY A 225 19.43 1.00 -0.25
C GLY A 225 18.89 2.35 0.24
N LEU A 226 17.57 2.45 0.35
CA LEU A 226 16.93 3.70 0.71
C LEU A 226 17.02 3.86 2.22
N ILE A 227 17.29 5.10 2.61
CA ILE A 227 17.31 5.45 4.02
C ILE A 227 16.52 6.72 4.20
N VAL A 228 16.23 6.95 5.47
CA VAL A 228 15.54 8.12 5.90
C VAL A 228 16.47 8.92 6.80
N THR A 229 16.59 10.22 6.53
CA THR A 229 17.29 11.11 7.43
C THR A 229 16.27 11.97 8.17
N PRO A 230 16.48 12.20 9.48
CA PRO A 230 15.50 12.91 10.32
C PRO A 230 15.31 14.35 9.84
N PRO A 231 14.21 15.02 10.24
CA PRO A 231 13.92 16.38 9.76
C PRO A 231 15.07 17.39 9.88
#